data_2E92
#
_entry.id   2E92
#
_cell.length_a   46.871
_cell.length_b   116.051
_cell.length_c   127.733
_cell.angle_alpha   90.00
_cell.angle_beta   90.00
_cell.angle_gamma   90.00
#
_symmetry.space_group_name_H-M   'P 21 21 21'
#
loop_
_entity.id
_entity.type
_entity.pdbx_description
1 polymer 'Geranylgeranyl pyrophosphate synthetase'
2 non-polymer 'MAGNESIUM ION'
3 non-polymer '(1-HYDROXY-2-IMIDAZO[1,2-A]PYRIDIN-3-YLETHANE-1,1-DIYL)BIS(PHOSPHONIC ACID)'
4 water water
#
_entity_poly.entity_id   1
_entity_poly.type   'polypeptide(L)'
_entity_poly.pdbx_seq_one_letter_code
;MTKNKMEAKIDELINNDPVWSSQNESLISKPYNHILLKPGKNFRLNLIVQINRVMNLPKDQLAIVSQIVELLHNSSLLID
DIEDNAPLRRGQTTSHLIFGVPSTINTANYMYFRAMQLVSQLTTKEPLYHNLITIFNEELINLHRGQGLDIYWRDFLPEI
IPTQEMYLNMVMNKTGGLFRLTLRLMEALSPSSHHGHSLVPFINLLGIIYQIRDDYLNLKDFQMSSEKGFAEDITEGKLS
FPIVHALNFTKTKGQTEQHNEILRILLLRTSDKDIKLKLIQILEFDTNSLAYTKNFINQLVNMIKNDNENKYLPDLASHS
DTATNLHDELLYIIDHLSEL
;
_entity_poly.pdbx_strand_id   A,B
#
loop_
_chem_comp.id
_chem_comp.type
_chem_comp.name
_chem_comp.formula
M0N non-polymer '(1-HYDROXY-2-IMIDAZO[1,2-A]PYRIDIN-3-YLETHANE-1,1-DIYL)BIS(PHOSPHONIC ACID)' 'C9 H12 N2 O7 P2'
MG non-polymer 'MAGNESIUM ION' 'Mg 2'
#
# COMPACT_ATOMS: atom_id res chain seq x y z
N ASN A 4 -16.43 6.30 37.28
CA ASN A 4 -15.91 5.18 38.10
C ASN A 4 -15.64 3.89 37.33
N LYS A 5 -16.70 3.21 36.91
CA LYS A 5 -16.51 1.95 36.17
C LYS A 5 -15.99 2.20 34.76
N MET A 6 -16.32 3.37 34.21
CA MET A 6 -15.87 3.72 32.88
C MET A 6 -14.36 3.97 32.95
N GLU A 7 -13.95 4.93 33.79
CA GLU A 7 -12.54 5.25 33.96
C GLU A 7 -11.70 3.98 34.16
N ALA A 8 -12.27 3.01 34.84
CA ALA A 8 -11.59 1.75 35.09
C ALA A 8 -11.42 0.93 33.82
N LYS A 9 -12.50 0.80 33.06
CA LYS A 9 -12.47 0.03 31.82
C LYS A 9 -11.45 0.66 30.89
N ILE A 10 -11.50 1.99 30.78
CA ILE A 10 -10.58 2.76 29.95
C ILE A 10 -9.13 2.58 30.45
N ASP A 11 -8.97 2.44 31.76
CA ASP A 11 -7.65 2.27 32.34
C ASP A 11 -7.11 0.87 32.04
N GLU A 12 -7.99 -0.14 32.01
CA GLU A 12 -7.50 -1.48 31.68
C GLU A 12 -7.16 -1.47 30.17
N LEU A 13 -7.90 -0.65 29.43
CA LEU A 13 -7.70 -0.49 28.00
C LEU A 13 -6.34 0.10 27.60
N ILE A 14 -6.08 1.35 28.00
CA ILE A 14 -4.83 1.99 27.66
C ILE A 14 -3.57 1.38 28.27
N ASN A 15 -3.73 0.50 29.23
CA ASN A 15 -2.58 -0.10 29.87
C ASN A 15 -2.28 -1.50 29.39
N ASN A 16 -2.81 -1.83 28.22
CA ASN A 16 -2.58 -3.14 27.59
C ASN A 16 -2.30 -3.02 26.11
N ASP A 17 -1.80 -4.10 25.54
CA ASP A 17 -1.52 -4.14 24.11
C ASP A 17 -2.88 -4.09 23.44
N PRO A 18 -2.96 -3.62 22.18
CA PRO A 18 -4.33 -3.64 21.66
C PRO A 18 -4.90 -5.04 21.48
N VAL A 19 -6.20 -5.17 21.74
CA VAL A 19 -6.89 -6.45 21.59
C VAL A 19 -7.05 -6.75 20.09
N TRP A 20 -6.70 -7.97 19.68
CA TRP A 20 -6.80 -8.43 18.31
C TRP A 20 -7.13 -9.92 18.40
N SER A 21 -8.24 -10.34 17.79
CA SER A 21 -8.66 -11.74 17.85
C SER A 21 -8.31 -12.50 16.58
N SER A 22 -8.26 -13.83 16.70
CA SER A 22 -7.96 -14.69 15.56
C SER A 22 -9.12 -14.55 14.57
N GLN A 23 -10.31 -14.23 15.09
CA GLN A 23 -11.48 -14.01 14.25
C GLN A 23 -11.23 -12.71 13.45
N ASN A 24 -10.71 -11.68 14.12
CA ASN A 24 -10.43 -10.39 13.45
C ASN A 24 -9.42 -10.62 12.34
N GLU A 25 -8.44 -11.47 12.62
CA GLU A 25 -7.36 -11.82 11.70
C GLU A 25 -7.92 -12.46 10.46
N SER A 26 -8.79 -13.43 10.66
CA SER A 26 -9.43 -14.14 9.56
C SER A 26 -10.23 -13.19 8.71
N LEU A 27 -11.04 -12.34 9.36
CA LEU A 27 -11.89 -11.40 8.62
C LEU A 27 -11.09 -10.45 7.73
N ILE A 28 -9.93 -9.98 8.13
CA ILE A 28 -9.25 -9.10 7.20
C ILE A 28 -8.27 -9.80 6.27
N SER A 29 -8.13 -11.11 6.37
CA SER A 29 -7.20 -11.78 5.45
C SER A 29 -7.94 -12.28 4.24
N LYS A 30 -9.22 -11.97 4.13
CA LYS A 30 -9.98 -12.45 2.98
C LYS A 30 -9.40 -12.12 1.60
N PRO A 31 -8.95 -10.88 1.36
CA PRO A 31 -8.45 -10.64 0.00
C PRO A 31 -7.23 -11.49 -0.29
N TYR A 32 -6.45 -11.74 0.73
CA TYR A 32 -5.25 -12.54 0.56
C TYR A 32 -5.56 -14.02 0.46
N ASN A 33 -6.45 -14.52 1.30
CA ASN A 33 -6.76 -15.93 1.21
C ASN A 33 -7.28 -16.21 -0.19
N HIS A 34 -8.02 -15.23 -0.75
CA HIS A 34 -8.56 -15.39 -2.10
C HIS A 34 -7.46 -15.59 -3.15
N ILE A 35 -6.42 -14.78 -3.15
CA ILE A 35 -5.39 -14.98 -4.17
C ILE A 35 -4.50 -16.19 -3.94
N LEU A 36 -4.52 -16.77 -2.75
CA LEU A 36 -3.73 -17.96 -2.49
C LEU A 36 -4.17 -19.14 -3.36
N LEU A 37 -5.38 -19.07 -3.92
CA LEU A 37 -5.89 -20.15 -4.78
C LEU A 37 -5.52 -19.96 -6.28
N ASN A 42 4.39 -22.98 -6.65
CA ASN A 42 5.43 -24.06 -6.76
C ASN A 42 6.59 -23.72 -7.66
N PHE A 43 6.35 -22.94 -8.72
CA PHE A 43 7.44 -22.56 -9.61
C PHE A 43 8.36 -21.54 -8.92
N ARG A 44 7.77 -20.54 -8.25
CA ARG A 44 8.57 -19.57 -7.52
C ARG A 44 9.31 -20.36 -6.43
N LEU A 45 8.66 -21.43 -5.97
CA LEU A 45 9.22 -22.30 -4.95
C LEU A 45 10.28 -23.16 -5.60
N ASN A 46 10.09 -23.48 -6.87
CA ASN A 46 11.06 -24.29 -7.57
C ASN A 46 12.31 -23.44 -7.82
N LEU A 47 12.11 -22.16 -8.14
CA LEU A 47 13.22 -21.23 -8.37
C LEU A 47 14.08 -21.10 -7.10
N ILE A 48 13.44 -20.97 -5.94
CA ILE A 48 14.15 -20.84 -4.68
C ILE A 48 15.01 -22.10 -4.45
N VAL A 49 14.48 -23.26 -4.82
CA VAL A 49 15.19 -24.51 -4.64
C VAL A 49 16.46 -24.63 -5.52
N GLN A 50 16.34 -24.33 -6.79
CA GLN A 50 17.48 -24.41 -7.67
C GLN A 50 18.55 -23.44 -7.20
N ILE A 51 18.12 -22.25 -6.83
CA ILE A 51 19.11 -21.29 -6.39
C ILE A 51 19.82 -21.87 -5.18
N ASN A 52 19.08 -22.61 -4.36
CA ASN A 52 19.64 -23.20 -3.14
C ASN A 52 20.64 -24.32 -3.37
N ARG A 53 20.58 -24.95 -4.54
CA ARG A 53 21.54 -26.01 -4.84
C ARG A 53 22.89 -25.35 -4.98
N VAL A 54 22.93 -24.04 -4.78
CA VAL A 54 24.13 -23.21 -4.88
C VAL A 54 24.35 -22.44 -3.59
N MET A 55 23.24 -22.02 -2.96
CA MET A 55 23.32 -21.24 -1.74
C MET A 55 23.44 -22.09 -0.47
N ASN A 56 23.07 -23.36 -0.57
CA ASN A 56 23.12 -24.30 0.56
C ASN A 56 22.55 -23.78 1.89
N LEU A 57 21.31 -23.29 1.87
CA LEU A 57 20.65 -22.83 3.08
C LEU A 57 19.96 -24.08 3.64
N PRO A 58 19.85 -24.19 4.97
CA PRO A 58 19.17 -25.38 5.46
C PRO A 58 17.65 -25.23 5.19
N LYS A 59 16.93 -26.34 5.16
CA LYS A 59 15.52 -26.34 4.88
C LYS A 59 14.67 -25.48 5.79
N ASP A 60 15.08 -25.32 7.04
CA ASP A 60 14.33 -24.51 7.99
C ASP A 60 14.26 -23.08 7.44
N GLN A 61 15.44 -22.53 7.18
CA GLN A 61 15.58 -21.18 6.67
C GLN A 61 15.03 -21.02 5.24
N LEU A 62 15.25 -22.00 4.36
CA LEU A 62 14.76 -21.90 2.98
C LEU A 62 13.27 -21.73 3.07
N ALA A 63 12.68 -22.37 4.06
CA ALA A 63 11.24 -22.32 4.27
C ALA A 63 10.75 -20.93 4.57
N ILE A 64 11.44 -20.24 5.47
CA ILE A 64 11.06 -18.88 5.85
C ILE A 64 11.35 -17.88 4.72
N VAL A 65 12.45 -18.08 4.00
CA VAL A 65 12.76 -17.20 2.87
C VAL A 65 11.55 -17.27 1.94
N SER A 66 11.04 -18.48 1.77
CA SER A 66 9.88 -18.76 0.93
C SER A 66 8.60 -18.03 1.42
N GLN A 67 8.22 -18.23 2.67
CA GLN A 67 7.03 -17.57 3.20
C GLN A 67 7.08 -16.06 2.98
N ILE A 68 8.25 -15.49 3.17
CA ILE A 68 8.46 -14.06 3.03
C ILE A 68 8.23 -13.62 1.60
N VAL A 69 8.79 -14.38 0.67
CA VAL A 69 8.68 -14.10 -0.75
C VAL A 69 7.24 -14.33 -1.27
N GLU A 70 6.55 -15.34 -0.75
CA GLU A 70 5.18 -15.53 -1.21
C GLU A 70 4.33 -14.37 -0.74
N LEU A 71 4.48 -13.97 0.53
CA LEU A 71 3.68 -12.85 1.02
C LEU A 71 3.92 -11.58 0.19
N LEU A 72 5.17 -11.23 -0.06
CA LEU A 72 5.47 -10.03 -0.83
C LEU A 72 4.91 -10.17 -2.22
N HIS A 73 5.08 -11.35 -2.79
CA HIS A 73 4.63 -11.60 -4.13
C HIS A 73 3.12 -11.52 -4.26
N ASN A 74 2.40 -12.21 -3.38
CA ASN A 74 0.96 -12.14 -3.49
C ASN A 74 0.44 -10.73 -3.18
N SER A 75 1.06 -10.04 -2.22
CA SER A 75 0.61 -8.69 -1.89
C SER A 75 0.77 -7.78 -3.09
N SER A 76 1.93 -7.85 -3.73
CA SER A 76 2.23 -7.05 -4.92
C SER A 76 1.19 -7.29 -6.01
N LEU A 77 0.73 -8.51 -6.18
CA LEU A 77 -0.26 -8.78 -7.20
C LEU A 77 -1.62 -8.18 -6.81
N LEU A 78 -2.02 -8.33 -5.56
CA LEU A 78 -3.30 -7.76 -5.12
C LEU A 78 -3.33 -6.31 -5.52
N ILE A 79 -2.23 -5.63 -5.26
CA ILE A 79 -2.13 -4.20 -5.53
C ILE A 79 -2.01 -3.95 -7.03
N ASP A 80 -1.18 -4.74 -7.69
CA ASP A 80 -1.00 -4.57 -9.09
C ASP A 80 -2.32 -4.62 -9.87
N ASP A 81 -3.21 -5.54 -9.46
CA ASP A 81 -4.50 -5.66 -10.12
C ASP A 81 -5.39 -4.42 -9.84
N ILE A 82 -5.19 -3.76 -8.72
CA ILE A 82 -5.95 -2.56 -8.46
C ILE A 82 -5.31 -1.52 -9.39
N GLU A 83 -3.99 -1.41 -9.33
CA GLU A 83 -3.27 -0.43 -10.13
C GLU A 83 -3.55 -0.58 -11.62
N ASP A 84 -3.67 -1.83 -12.08
CA ASP A 84 -3.90 -2.13 -13.47
C ASP A 84 -5.36 -2.36 -13.84
N ASN A 85 -6.24 -2.27 -12.86
CA ASN A 85 -7.67 -2.45 -13.13
C ASN A 85 -7.98 -3.81 -13.79
N ALA A 86 -7.21 -4.82 -13.42
CA ALA A 86 -7.40 -6.14 -13.97
C ALA A 86 -8.63 -6.79 -13.39
N PRO A 87 -9.43 -7.47 -14.23
CA PRO A 87 -10.63 -8.18 -13.75
C PRO A 87 -10.32 -9.67 -13.40
N LEU A 88 -9.21 -10.19 -13.89
CA LEU A 88 -8.87 -11.60 -13.63
C LEU A 88 -7.39 -11.83 -13.31
N ARG A 89 -7.11 -12.85 -12.52
CA ARG A 89 -5.72 -13.21 -12.15
C ARG A 89 -5.81 -14.70 -11.88
N ARG A 90 -5.11 -15.48 -12.69
CA ARG A 90 -5.11 -16.94 -12.58
C ARG A 90 -6.50 -17.46 -12.94
N GLY A 91 -7.04 -16.96 -14.05
CA GLY A 91 -8.36 -17.36 -14.48
C GLY A 91 -9.48 -17.12 -13.48
N GLN A 92 -9.18 -16.47 -12.36
CA GLN A 92 -10.24 -16.19 -11.38
C GLN A 92 -10.43 -14.68 -11.15
N THR A 93 -11.60 -14.32 -10.65
CA THR A 93 -11.91 -12.94 -10.42
C THR A 93 -10.97 -12.34 -9.40
N THR A 94 -10.55 -11.15 -9.72
CA THR A 94 -9.62 -10.44 -8.93
C THR A 94 -10.14 -9.97 -7.55
N SER A 95 -9.31 -10.12 -6.51
CA SER A 95 -9.76 -9.72 -5.16
C SER A 95 -10.45 -8.37 -4.99
N HIS A 96 -9.93 -7.33 -5.62
CA HIS A 96 -10.55 -6.04 -5.36
C HIS A 96 -11.97 -5.98 -5.89
N LEU A 97 -12.28 -6.76 -6.91
CA LEU A 97 -13.64 -6.77 -7.42
C LEU A 97 -14.59 -7.57 -6.49
N ILE A 98 -14.04 -8.45 -5.68
CA ILE A 98 -14.91 -9.23 -4.81
C ILE A 98 -15.06 -8.48 -3.48
N PHE A 99 -13.92 -8.15 -2.86
CA PHE A 99 -13.96 -7.46 -1.56
C PHE A 99 -13.84 -5.94 -1.56
N GLY A 100 -13.64 -5.34 -2.74
CA GLY A 100 -13.49 -3.90 -2.82
C GLY A 100 -12.04 -3.43 -2.71
N VAL A 101 -11.74 -2.30 -3.37
CA VAL A 101 -10.41 -1.72 -3.33
C VAL A 101 -9.90 -1.44 -1.88
N PRO A 102 -10.73 -0.85 -1.02
CA PRO A 102 -10.34 -0.54 0.36
C PRO A 102 -9.76 -1.74 1.12
N SER A 103 -10.54 -2.82 1.22
CA SER A 103 -10.03 -3.99 1.96
C SER A 103 -8.79 -4.58 1.29
N THR A 104 -8.79 -4.66 -0.04
CA THR A 104 -7.66 -5.27 -0.72
C THR A 104 -6.38 -4.47 -0.54
N ILE A 105 -6.46 -3.14 -0.65
CA ILE A 105 -5.28 -2.33 -0.41
C ILE A 105 -4.81 -2.56 1.05
N ASN A 106 -5.71 -2.39 1.99
CA ASN A 106 -5.28 -2.57 3.36
C ASN A 106 -4.72 -3.98 3.67
N THR A 107 -5.34 -5.04 3.13
CA THR A 107 -4.85 -6.37 3.44
C THR A 107 -3.49 -6.58 2.81
N ALA A 108 -3.35 -6.14 1.56
CA ALA A 108 -2.07 -6.27 0.87
C ALA A 108 -0.97 -5.52 1.65
N ASN A 109 -1.19 -4.25 2.01
CA ASN A 109 -0.15 -3.56 2.77
C ASN A 109 0.06 -4.27 4.10
N TYR A 110 -1.01 -4.81 4.69
CA TYR A 110 -0.86 -5.52 5.95
C TYR A 110 0.19 -6.64 5.79
N MET A 111 0.04 -7.43 4.73
CA MET A 111 0.94 -8.54 4.46
C MET A 111 2.40 -8.15 4.17
N TYR A 112 2.65 -6.95 3.62
CA TYR A 112 4.04 -6.50 3.43
C TYR A 112 4.66 -6.46 4.81
N PHE A 113 3.93 -5.91 5.78
CA PHE A 113 4.45 -5.81 7.14
C PHE A 113 4.56 -7.13 7.91
N ARG A 114 3.71 -8.10 7.56
CA ARG A 114 3.78 -9.40 8.20
C ARG A 114 5.03 -9.98 7.61
N ALA A 115 5.29 -9.68 6.34
CA ALA A 115 6.47 -10.23 5.70
C ALA A 115 7.74 -9.73 6.38
N MET A 116 7.79 -8.43 6.65
CA MET A 116 8.94 -7.82 7.29
C MET A 116 9.11 -8.52 8.66
N GLN A 117 8.00 -8.75 9.35
CA GLN A 117 8.05 -9.42 10.66
C GLN A 117 8.78 -10.76 10.56
N LEU A 118 8.48 -11.56 9.55
CA LEU A 118 9.14 -12.85 9.36
C LEU A 118 10.69 -12.80 9.22
N VAL A 119 11.24 -11.70 8.73
CA VAL A 119 12.69 -11.63 8.55
C VAL A 119 13.41 -11.98 9.85
N SER A 120 12.94 -11.47 10.97
CA SER A 120 13.64 -11.79 12.21
C SER A 120 13.50 -13.25 12.66
N GLN A 121 13.02 -14.12 11.78
CA GLN A 121 12.92 -15.54 12.12
C GLN A 121 14.01 -16.23 11.33
N LEU A 122 14.88 -15.42 10.72
CA LEU A 122 15.96 -15.95 9.91
C LEU A 122 17.28 -16.03 10.65
N THR A 123 17.46 -15.17 11.64
CA THR A 123 18.68 -15.13 12.42
C THR A 123 18.48 -14.53 13.78
N THR A 124 19.52 -14.66 14.61
CA THR A 124 19.57 -14.10 15.96
C THR A 124 20.84 -13.25 16.03
N LYS A 125 21.58 -13.21 14.91
CA LYS A 125 22.81 -12.42 14.78
C LYS A 125 22.43 -10.99 14.42
N GLU A 126 22.66 -10.04 15.33
CA GLU A 126 22.28 -8.65 15.07
C GLU A 126 22.89 -7.98 13.82
N PRO A 127 24.13 -8.35 13.45
CA PRO A 127 24.81 -7.78 12.27
C PRO A 127 24.16 -8.23 10.96
N LEU A 128 23.92 -9.55 10.88
CA LEU A 128 23.31 -10.19 9.73
C LEU A 128 21.86 -9.72 9.55
N TYR A 129 21.12 -9.72 10.65
CA TYR A 129 19.72 -9.31 10.65
C TYR A 129 19.59 -7.91 10.04
N HIS A 130 20.50 -7.04 10.45
CA HIS A 130 20.49 -5.69 9.96
C HIS A 130 20.68 -5.76 8.45
N ASN A 131 21.53 -6.67 8.01
CA ASN A 131 21.76 -6.77 6.60
C ASN A 131 20.54 -7.26 5.85
N LEU A 132 19.86 -8.27 6.39
CA LEU A 132 18.69 -8.81 5.71
C LEU A 132 17.57 -7.80 5.59
N ILE A 133 17.42 -6.97 6.61
CA ILE A 133 16.40 -5.94 6.62
C ILE A 133 16.70 -4.87 5.57
N THR A 134 17.97 -4.51 5.44
CA THR A 134 18.39 -3.50 4.47
C THR A 134 18.16 -4.03 3.06
N ILE A 135 18.20 -5.33 2.89
CA ILE A 135 18.00 -5.92 1.60
C ILE A 135 16.52 -5.77 1.28
N PHE A 136 15.72 -6.24 2.22
CA PHE A 136 14.28 -6.20 2.18
C PHE A 136 13.86 -4.76 1.88
N ASN A 137 14.39 -3.84 2.67
CA ASN A 137 14.01 -2.47 2.49
C ASN A 137 14.40 -1.98 1.11
N GLU A 138 15.60 -2.33 0.66
CA GLU A 138 16.07 -1.85 -0.64
C GLU A 138 15.32 -2.38 -1.85
N GLU A 139 15.02 -3.68 -1.86
CA GLU A 139 14.36 -4.17 -3.03
C GLU A 139 12.89 -3.72 -3.07
N LEU A 140 12.24 -3.54 -1.92
CA LEU A 140 10.88 -3.04 -1.94
C LEU A 140 10.92 -1.56 -2.41
N ILE A 141 11.91 -0.78 -1.99
CA ILE A 141 12.01 0.57 -2.49
C ILE A 141 12.14 0.52 -4.02
N ASN A 142 12.95 -0.41 -4.54
CA ASN A 142 13.14 -0.48 -5.98
C ASN A 142 11.88 -0.93 -6.72
N LEU A 143 11.19 -1.89 -6.12
CA LEU A 143 9.97 -2.38 -6.67
C LEU A 143 9.02 -1.20 -6.85
N HIS A 144 8.85 -0.39 -5.82
CA HIS A 144 7.93 0.71 -5.93
C HIS A 144 8.34 1.77 -6.92
N ARG A 145 9.63 1.89 -7.17
CA ARG A 145 10.09 2.91 -8.12
C ARG A 145 9.75 2.51 -9.55
N GLY A 146 10.04 1.25 -9.89
CA GLY A 146 9.73 0.74 -11.21
C GLY A 146 8.23 0.79 -11.49
N GLN A 147 7.47 0.25 -10.55
CA GLN A 147 6.04 0.22 -10.62
C GLN A 147 5.55 1.70 -10.75
N GLY A 148 6.15 2.63 -10.03
CA GLY A 148 5.78 4.04 -10.08
C GLY A 148 5.98 4.63 -11.46
N LEU A 149 7.09 4.31 -12.12
CA LEU A 149 7.34 4.80 -13.48
C LEU A 149 6.37 4.17 -14.47
N ASP A 150 6.26 2.85 -14.41
CA ASP A 150 5.37 2.15 -15.32
C ASP A 150 3.96 2.75 -15.25
N ILE A 151 3.43 2.92 -14.06
CA ILE A 151 2.10 3.53 -13.86
C ILE A 151 2.06 4.99 -14.36
N TYR A 152 3.09 5.78 -14.06
CA TYR A 152 3.07 7.15 -14.53
C TYR A 152 3.11 7.24 -16.06
N TRP A 153 4.04 6.52 -16.71
CA TRP A 153 4.10 6.60 -18.15
C TRP A 153 2.72 6.29 -18.70
N ARG A 154 2.14 5.19 -18.23
CA ARG A 154 0.83 4.76 -18.67
C ARG A 154 -0.32 5.71 -18.41
N ASP A 155 -0.48 6.18 -17.15
CA ASP A 155 -1.60 7.08 -16.83
C ASP A 155 -1.51 8.52 -17.29
N PHE A 156 -0.31 8.97 -17.67
CA PHE A 156 -0.11 10.33 -18.12
C PHE A 156 0.31 10.41 -19.58
N LEU A 157 0.20 9.27 -20.27
CA LEU A 157 0.50 9.17 -21.70
C LEU A 157 -0.38 10.22 -22.42
N PRO A 158 0.17 10.91 -23.41
CA PRO A 158 1.50 10.87 -24.00
C PRO A 158 2.50 11.82 -23.41
N GLU A 159 2.42 12.11 -22.11
CA GLU A 159 3.40 13.03 -21.52
C GLU A 159 4.86 12.59 -21.72
N ILE A 160 5.14 11.34 -21.42
CA ILE A 160 6.50 10.84 -21.62
C ILE A 160 6.39 9.62 -22.54
N ILE A 161 7.19 9.54 -23.60
CA ILE A 161 7.17 8.35 -24.48
C ILE A 161 8.53 7.75 -24.14
N PRO A 162 8.55 6.64 -23.36
CA PRO A 162 9.82 6.01 -23.00
C PRO A 162 10.58 5.34 -24.12
N THR A 163 11.91 5.41 -24.04
CA THR A 163 12.76 4.73 -25.02
C THR A 163 12.97 3.29 -24.52
N GLN A 164 13.65 2.47 -25.30
CA GLN A 164 13.96 1.10 -24.91
C GLN A 164 14.81 1.12 -23.65
N GLU A 165 15.71 2.10 -23.55
CA GLU A 165 16.59 2.24 -22.40
C GLU A 165 15.83 2.56 -21.13
N MET A 166 14.92 3.51 -21.22
CA MET A 166 14.11 3.88 -20.07
C MET A 166 13.27 2.71 -19.58
N TYR A 167 12.72 1.94 -20.53
CA TYR A 167 11.88 0.80 -20.25
C TYR A 167 12.65 -0.29 -19.51
N LEU A 168 13.90 -0.48 -19.93
CA LEU A 168 14.74 -1.49 -19.34
C LEU A 168 15.11 -1.06 -17.93
N ASN A 169 15.39 0.23 -17.73
CA ASN A 169 15.71 0.69 -16.36
C ASN A 169 14.48 0.53 -15.44
N MET A 170 13.28 0.80 -15.97
CA MET A 170 12.07 0.66 -15.21
C MET A 170 11.90 -0.83 -14.83
N VAL A 171 12.22 -1.73 -15.76
CA VAL A 171 12.13 -3.17 -15.53
C VAL A 171 13.18 -3.71 -14.52
N MET A 172 14.38 -3.13 -14.55
CA MET A 172 15.41 -3.49 -13.58
C MET A 172 14.83 -3.17 -12.17
N ASN A 173 14.10 -2.06 -12.06
CA ASN A 173 13.52 -1.72 -10.76
C ASN A 173 12.27 -2.57 -10.45
N LYS A 174 11.27 -2.44 -11.32
CA LYS A 174 9.99 -3.10 -11.17
C LYS A 174 9.95 -4.61 -10.94
N THR A 175 10.57 -5.36 -11.84
CA THR A 175 10.55 -6.81 -11.74
C THR A 175 11.81 -7.31 -11.07
N GLY A 176 12.96 -6.76 -11.46
CA GLY A 176 14.22 -7.16 -10.89
C GLY A 176 14.16 -7.07 -9.37
N GLY A 177 13.35 -6.15 -8.86
CA GLY A 177 13.20 -5.96 -7.43
C GLY A 177 12.97 -7.24 -6.61
N LEU A 178 11.90 -7.98 -6.88
CA LEU A 178 11.65 -9.20 -6.10
C LEU A 178 12.60 -10.34 -6.46
N PHE A 179 13.09 -10.37 -7.70
CA PHE A 179 14.05 -11.42 -8.06
C PHE A 179 15.33 -11.19 -7.22
N ARG A 180 15.84 -9.96 -7.26
CA ARG A 180 17.04 -9.63 -6.53
C ARG A 180 16.84 -9.81 -5.04
N LEU A 181 15.64 -9.51 -4.58
CA LEU A 181 15.36 -9.61 -3.16
C LEU A 181 15.59 -11.04 -2.70
N THR A 182 14.86 -11.98 -3.31
CA THR A 182 14.98 -13.39 -2.98
C THR A 182 16.43 -13.88 -2.96
N LEU A 183 17.14 -13.67 -4.06
CA LEU A 183 18.53 -14.10 -4.20
C LEU A 183 19.46 -13.37 -3.23
N ARG A 184 19.29 -12.07 -3.04
CA ARG A 184 20.21 -11.42 -2.12
C ARG A 184 20.01 -11.92 -0.67
N LEU A 185 18.77 -12.17 -0.26
CA LEU A 185 18.53 -12.69 1.08
C LEU A 185 19.28 -13.99 1.20
N MET A 186 19.10 -14.87 0.21
CA MET A 186 19.77 -16.15 0.21
C MET A 186 21.30 -15.98 0.24
N GLU A 187 21.87 -15.20 -0.68
CA GLU A 187 23.29 -14.98 -0.66
C GLU A 187 23.83 -14.50 0.69
N ALA A 188 23.06 -13.67 1.40
CA ALA A 188 23.50 -13.18 2.70
C ALA A 188 23.39 -14.30 3.73
N LEU A 189 22.50 -15.25 3.46
CA LEU A 189 22.27 -16.34 4.39
C LEU A 189 23.15 -17.56 4.11
N SER A 190 23.79 -17.57 2.96
CA SER A 190 24.61 -18.70 2.56
C SER A 190 25.86 -18.98 3.41
N PRO A 191 26.05 -20.24 3.81
CA PRO A 191 27.23 -20.54 4.61
C PRO A 191 28.31 -21.08 3.66
N SER A 198 28.70 -13.76 -7.47
CA SER A 198 27.26 -13.40 -7.20
C SER A 198 26.31 -13.73 -8.37
N LEU A 199 25.11 -14.18 -8.05
CA LEU A 199 24.16 -14.48 -9.10
C LEU A 199 23.21 -13.31 -9.35
N VAL A 200 23.56 -12.10 -8.90
CA VAL A 200 22.68 -10.94 -9.09
C VAL A 200 22.47 -10.61 -10.57
N PRO A 201 23.56 -10.42 -11.34
CA PRO A 201 23.47 -10.10 -12.79
C PRO A 201 22.58 -11.12 -13.47
N PHE A 202 22.82 -12.39 -13.20
CA PHE A 202 22.02 -13.45 -13.80
C PHE A 202 20.54 -13.34 -13.44
N ILE A 203 20.26 -13.06 -12.17
CA ILE A 203 18.90 -12.95 -11.74
C ILE A 203 18.29 -11.68 -12.32
N ASN A 204 19.13 -10.68 -12.61
CA ASN A 204 18.64 -9.44 -13.21
C ASN A 204 18.21 -9.76 -14.65
N LEU A 205 19.04 -10.50 -15.37
CA LEU A 205 18.74 -10.84 -16.74
C LEU A 205 17.50 -11.69 -16.81
N LEU A 206 17.32 -12.59 -15.84
CA LEU A 206 16.15 -13.45 -15.83
C LEU A 206 14.86 -12.65 -15.64
N GLY A 207 14.91 -11.60 -14.80
CA GLY A 207 13.75 -10.75 -14.57
C GLY A 207 13.44 -9.99 -15.85
N ILE A 208 14.46 -9.48 -16.51
CA ILE A 208 14.23 -8.75 -17.75
C ILE A 208 13.59 -9.67 -18.78
N ILE A 209 14.11 -10.88 -18.91
CA ILE A 209 13.56 -11.82 -19.87
C ILE A 209 12.15 -12.17 -19.42
N TYR A 210 11.97 -12.25 -18.11
CA TYR A 210 10.67 -12.60 -17.61
C TYR A 210 9.66 -11.54 -18.01
N GLN A 211 9.99 -10.26 -17.81
CA GLN A 211 9.09 -9.18 -18.12
C GLN A 211 8.87 -8.99 -19.63
N ILE A 212 9.92 -9.14 -20.44
CA ILE A 212 9.67 -8.93 -21.87
C ILE A 212 8.85 -10.07 -22.45
N ARG A 213 9.03 -11.29 -21.94
CA ARG A 213 8.23 -12.40 -22.40
C ARG A 213 6.78 -12.21 -21.93
N ASP A 214 6.60 -11.70 -20.71
CA ASP A 214 5.27 -11.50 -20.22
C ASP A 214 4.55 -10.43 -21.13
N ASP A 215 5.23 -9.34 -21.51
CA ASP A 215 4.68 -8.30 -22.38
C ASP A 215 4.31 -8.88 -23.78
N TYR A 216 5.23 -9.64 -24.34
CA TYR A 216 5.09 -10.25 -25.66
C TYR A 216 3.97 -11.29 -25.78
N LEU A 217 4.02 -12.32 -24.95
CA LEU A 217 3.01 -13.37 -24.96
C LEU A 217 1.64 -12.81 -24.70
N ASN A 218 1.57 -11.68 -24.00
CA ASN A 218 0.29 -11.10 -23.71
C ASN A 218 -0.41 -10.75 -25.03
N LEU A 219 0.36 -10.36 -26.03
CA LEU A 219 -0.21 -10.00 -27.35
C LEU A 219 -0.15 -11.18 -28.30
N LYS A 220 0.92 -11.95 -28.21
CA LYS A 220 1.12 -13.07 -29.12
C LYS A 220 0.09 -14.18 -28.86
N ASP A 221 -0.34 -14.37 -27.60
CA ASP A 221 -1.35 -15.36 -27.29
C ASP A 221 -2.69 -14.90 -27.88
N PHE A 222 -3.01 -13.63 -27.65
CA PHE A 222 -4.24 -13.08 -28.19
C PHE A 222 -4.20 -13.18 -29.71
N GLN A 223 -3.11 -12.74 -30.32
CA GLN A 223 -2.98 -12.79 -31.79
C GLN A 223 -3.18 -14.21 -32.33
N MET A 224 -2.56 -15.18 -31.68
CA MET A 224 -2.69 -16.58 -32.11
C MET A 224 -4.11 -17.11 -31.75
N SER A 225 -4.59 -16.79 -30.56
CA SER A 225 -5.92 -17.22 -30.13
C SER A 225 -6.57 -16.36 -29.05
N GLY A 229 -5.60 -15.98 -24.92
CA GLY A 229 -5.33 -14.68 -24.21
C GLY A 229 -6.42 -13.63 -24.41
N PHE A 230 -6.25 -12.45 -23.80
CA PHE A 230 -7.18 -11.32 -23.92
C PHE A 230 -6.45 -10.02 -24.32
N ALA A 231 -5.12 -10.07 -24.36
CA ALA A 231 -4.27 -8.91 -24.65
C ALA A 231 -4.76 -7.80 -23.73
N GLU A 232 -4.84 -8.13 -22.45
CA GLU A 232 -5.30 -7.20 -21.43
C GLU A 232 -4.33 -6.04 -21.24
N ASP A 233 -3.11 -6.18 -21.77
CA ASP A 233 -2.19 -5.05 -21.69
C ASP A 233 -2.63 -3.90 -22.55
N ILE A 234 -3.38 -4.17 -23.63
CA ILE A 234 -3.81 -3.09 -24.49
C ILE A 234 -4.86 -2.32 -23.73
N THR A 235 -5.76 -3.08 -23.12
CA THR A 235 -6.85 -2.48 -22.32
C THR A 235 -6.30 -1.61 -21.22
N GLU A 236 -5.20 -2.05 -20.62
CA GLU A 236 -4.58 -1.31 -19.53
C GLU A 236 -3.90 -0.08 -20.04
N GLY A 237 -3.37 -0.17 -21.26
CA GLY A 237 -2.68 0.97 -21.85
C GLY A 237 -1.18 1.00 -21.55
N LYS A 238 -0.63 -0.12 -21.04
CA LYS A 238 0.78 -0.11 -20.67
C LYS A 238 1.80 0.04 -21.77
N LEU A 239 2.90 0.70 -21.40
CA LEU A 239 4.01 0.91 -22.32
C LEU A 239 4.85 -0.36 -22.24
N SER A 240 4.29 -1.44 -22.79
CA SER A 240 4.95 -2.74 -22.82
C SER A 240 6.18 -2.67 -23.73
N PHE A 241 7.04 -3.68 -23.68
CA PHE A 241 8.21 -3.69 -24.55
C PHE A 241 7.84 -3.56 -26.07
N PRO A 242 6.78 -4.26 -26.52
CA PRO A 242 6.45 -4.11 -27.95
C PRO A 242 5.95 -2.70 -28.33
N ILE A 243 5.20 -2.10 -27.43
CA ILE A 243 4.64 -0.78 -27.63
C ILE A 243 5.68 0.33 -27.67
N VAL A 244 6.67 0.23 -26.78
CA VAL A 244 7.76 1.17 -26.67
C VAL A 244 8.53 1.12 -27.98
N HIS A 245 8.79 -0.11 -28.45
CA HIS A 245 9.47 -0.24 -29.71
C HIS A 245 8.63 0.44 -30.83
N ALA A 246 7.36 0.09 -30.95
CA ALA A 246 6.52 0.66 -31.99
C ALA A 246 6.39 2.19 -31.91
N LEU A 247 6.28 2.71 -30.70
CA LEU A 247 6.17 4.15 -30.52
C LEU A 247 7.48 4.89 -30.99
N ASN A 248 8.65 4.38 -30.64
CA ASN A 248 9.90 5.01 -31.06
C ASN A 248 10.20 4.79 -32.56
N PHE A 249 9.97 3.58 -33.05
CA PHE A 249 10.12 3.27 -34.48
C PHE A 249 9.27 4.25 -35.32
N THR A 250 7.98 4.39 -35.00
CA THR A 250 7.08 5.28 -35.75
C THR A 250 7.52 6.78 -35.68
N LYS A 251 8.00 7.21 -34.52
CA LYS A 251 8.45 8.57 -34.34
C LYS A 251 9.60 8.78 -35.32
N THR A 252 10.55 7.85 -35.22
CA THR A 252 11.78 7.82 -36.01
C THR A 252 11.61 7.70 -37.52
N LYS A 253 10.69 6.84 -37.96
CA LYS A 253 10.45 6.62 -39.38
C LYS A 253 9.44 7.55 -39.98
N GLY A 254 9.06 8.60 -39.25
CA GLY A 254 8.08 9.55 -39.76
C GLY A 254 6.62 9.08 -39.93
N GLN A 255 6.23 8.01 -39.21
CA GLN A 255 4.87 7.50 -39.30
C GLN A 255 4.00 8.15 -38.26
N THR A 256 3.73 9.43 -38.51
CA THR A 256 2.93 10.24 -37.62
C THR A 256 1.58 9.67 -37.31
N GLU A 257 0.88 9.22 -38.34
CA GLU A 257 -0.43 8.69 -38.20
C GLU A 257 -0.41 7.41 -37.35
N GLN A 258 0.49 6.48 -37.66
CA GLN A 258 0.55 5.23 -36.88
C GLN A 258 0.89 5.52 -35.40
N HIS A 259 1.88 6.37 -35.21
CA HIS A 259 2.31 6.77 -33.89
C HIS A 259 1.09 7.31 -33.12
N ASN A 260 0.30 8.16 -33.78
CA ASN A 260 -0.87 8.71 -33.11
C ASN A 260 -1.97 7.69 -32.86
N GLU A 261 -2.16 6.78 -33.80
CA GLU A 261 -3.20 5.81 -33.67
C GLU A 261 -2.82 4.83 -32.56
N ILE A 262 -1.53 4.58 -32.36
CA ILE A 262 -1.08 3.67 -31.32
C ILE A 262 -1.48 4.28 -29.99
N LEU A 263 -1.17 5.57 -29.84
CA LEU A 263 -1.51 6.29 -28.64
C LEU A 263 -3.00 6.38 -28.40
N ARG A 264 -3.76 6.63 -29.45
CA ARG A 264 -5.20 6.75 -29.28
C ARG A 264 -5.75 5.41 -28.78
N ILE A 265 -5.29 4.32 -29.36
CA ILE A 265 -5.80 3.03 -28.94
C ILE A 265 -5.47 2.73 -27.48
N LEU A 266 -4.23 2.95 -27.09
CA LEU A 266 -3.86 2.72 -25.71
C LEU A 266 -4.75 3.55 -24.82
N LEU A 267 -4.98 4.81 -25.19
CA LEU A 267 -5.79 5.73 -24.38
C LEU A 267 -7.30 5.41 -24.33
N LEU A 268 -7.80 4.51 -25.17
CA LEU A 268 -9.20 4.12 -25.12
C LEU A 268 -9.48 3.18 -23.90
N ARG A 269 -8.46 2.52 -23.37
CA ARG A 269 -8.69 1.59 -22.29
C ARG A 269 -9.80 0.69 -22.78
N THR A 270 -9.67 0.23 -24.03
CA THR A 270 -10.68 -0.59 -24.69
C THR A 270 -10.59 -2.12 -24.49
N SER A 271 -11.73 -2.77 -24.57
CA SER A 271 -11.86 -4.21 -24.43
C SER A 271 -12.38 -4.78 -25.74
N ASP A 272 -12.52 -3.94 -26.76
CA ASP A 272 -13.01 -4.45 -28.04
C ASP A 272 -11.93 -5.30 -28.74
N LYS A 273 -12.23 -6.57 -29.00
CA LYS A 273 -11.27 -7.50 -29.62
C LYS A 273 -10.73 -7.04 -30.98
N ASP A 274 -11.59 -6.42 -31.77
CA ASP A 274 -11.16 -6.00 -33.08
C ASP A 274 -10.23 -4.82 -33.01
N ILE A 275 -10.50 -3.87 -32.13
CA ILE A 275 -9.59 -2.73 -32.00
C ILE A 275 -8.20 -3.24 -31.48
N LYS A 276 -8.24 -4.19 -30.54
CA LYS A 276 -7.00 -4.74 -30.00
C LYS A 276 -6.27 -5.49 -31.07
N LEU A 277 -7.01 -6.25 -31.86
CA LEU A 277 -6.37 -7.05 -32.90
C LEU A 277 -5.75 -6.11 -33.96
N LYS A 278 -6.38 -4.98 -34.18
CA LYS A 278 -5.83 -4.00 -35.12
C LYS A 278 -4.49 -3.43 -34.58
N LEU A 279 -4.43 -3.11 -33.30
CA LEU A 279 -3.17 -2.58 -32.74
C LEU A 279 -2.09 -3.64 -32.90
N ILE A 280 -2.44 -4.88 -32.58
CA ILE A 280 -1.49 -5.99 -32.66
C ILE A 280 -1.02 -6.19 -34.10
N GLN A 281 -1.92 -6.09 -35.07
CA GLN A 281 -1.46 -6.25 -36.45
C GLN A 281 -0.64 -5.01 -36.86
N ILE A 282 -0.80 -3.89 -36.16
CA ILE A 282 0.06 -2.77 -36.50
C ILE A 282 1.46 -3.19 -36.07
N LEU A 283 1.60 -3.71 -34.86
CA LEU A 283 2.94 -4.10 -34.40
C LEU A 283 3.54 -5.25 -35.21
N GLU A 284 2.70 -6.06 -35.83
CA GLU A 284 3.20 -7.17 -36.60
C GLU A 284 3.68 -6.79 -38.01
N PHE A 285 2.88 -6.02 -38.74
CA PHE A 285 3.19 -5.67 -40.12
C PHE A 285 3.71 -4.27 -40.35
N ASP A 286 3.32 -3.32 -39.52
CA ASP A 286 3.74 -1.98 -39.75
C ASP A 286 5.02 -1.53 -39.05
N THR A 287 5.23 -1.94 -37.80
CA THR A 287 6.42 -1.57 -37.06
C THR A 287 7.33 -2.78 -36.90
N ASN A 288 6.79 -3.95 -37.12
CA ASN A 288 7.56 -5.17 -36.95
C ASN A 288 8.04 -5.30 -35.52
N SER A 289 7.24 -4.77 -34.60
CA SER A 289 7.57 -4.83 -33.19
C SER A 289 7.49 -6.26 -32.59
N LEU A 290 6.67 -7.12 -33.15
CA LEU A 290 6.58 -8.46 -32.57
C LEU A 290 7.82 -9.31 -32.92
N ALA A 291 8.26 -9.21 -34.17
CA ALA A 291 9.44 -9.95 -34.59
C ALA A 291 10.63 -9.42 -33.78
N TYR A 292 10.71 -8.09 -33.68
CA TYR A 292 11.78 -7.45 -32.94
C TYR A 292 11.87 -7.95 -31.50
N THR A 293 10.73 -8.03 -30.83
CA THR A 293 10.64 -8.46 -29.45
C THR A 293 11.00 -9.92 -29.37
N LYS A 294 10.52 -10.71 -30.32
CA LYS A 294 10.78 -12.14 -30.31
C LYS A 294 12.29 -12.37 -30.37
N ASN A 295 12.90 -11.68 -31.31
CA ASN A 295 14.33 -11.80 -31.52
C ASN A 295 15.13 -11.32 -30.31
N PHE A 296 14.68 -10.21 -29.72
CA PHE A 296 15.34 -9.61 -28.56
C PHE A 296 15.29 -10.61 -27.40
N ILE A 297 14.20 -11.35 -27.28
CA ILE A 297 14.09 -12.31 -26.20
C ILE A 297 15.16 -13.41 -26.36
N ASN A 298 15.19 -14.01 -27.57
CA ASN A 298 16.12 -15.05 -27.96
C ASN A 298 17.57 -14.58 -27.70
N GLN A 299 17.86 -13.38 -28.13
CA GLN A 299 19.19 -12.83 -27.92
C GLN A 299 19.51 -12.86 -26.43
N LEU A 300 18.54 -12.50 -25.59
CA LEU A 300 18.72 -12.49 -24.15
C LEU A 300 18.88 -13.90 -23.62
N VAL A 301 18.00 -14.81 -24.03
CA VAL A 301 18.06 -16.20 -23.61
C VAL A 301 19.39 -16.83 -24.01
N ASN A 302 19.89 -16.47 -25.20
CA ASN A 302 21.16 -17.02 -25.65
C ASN A 302 22.32 -16.49 -24.83
N MET A 303 22.21 -15.27 -24.33
CA MET A 303 23.27 -14.71 -23.50
C MET A 303 23.51 -15.62 -22.28
N ILE A 304 22.55 -16.50 -22.01
CA ILE A 304 22.69 -17.42 -20.91
C ILE A 304 23.06 -18.80 -21.50
N LYS A 305 22.20 -19.35 -22.35
CA LYS A 305 22.47 -20.61 -23.01
C LYS A 305 23.86 -20.67 -23.68
N ASN A 306 24.50 -19.52 -23.83
CA ASN A 306 25.84 -19.42 -24.44
C ASN A 306 26.80 -18.86 -23.39
N ASP A 307 26.60 -19.31 -22.15
CA ASP A 307 27.42 -18.86 -21.03
C ASP A 307 28.47 -19.92 -20.64
N ASN B 4 26.23 -8.16 -30.59
CA ASN B 4 27.43 -7.69 -29.83
C ASN B 4 27.12 -6.42 -29.05
N LYS B 5 26.98 -5.29 -29.75
CA LYS B 5 26.68 -4.03 -29.08
C LYS B 5 25.44 -4.10 -28.19
N MET B 6 24.54 -5.01 -28.54
CA MET B 6 23.31 -5.23 -27.80
C MET B 6 23.67 -5.99 -26.52
N GLU B 7 24.51 -7.01 -26.67
CA GLU B 7 24.96 -7.81 -25.54
C GLU B 7 25.79 -6.96 -24.58
N ALA B 8 26.58 -6.05 -25.13
CA ALA B 8 27.44 -5.21 -24.30
C ALA B 8 26.62 -4.39 -23.35
N LYS B 9 25.54 -3.83 -23.90
CA LYS B 9 24.64 -2.98 -23.14
C LYS B 9 23.80 -3.69 -22.11
N ILE B 10 23.29 -4.88 -22.44
CA ILE B 10 22.50 -5.64 -21.50
C ILE B 10 23.43 -5.96 -20.35
N ASP B 11 24.68 -6.24 -20.67
CA ASP B 11 25.71 -6.55 -19.67
C ASP B 11 25.99 -5.37 -18.75
N GLU B 12 26.21 -4.20 -19.33
CA GLU B 12 26.44 -3.03 -18.49
C GLU B 12 25.21 -2.80 -17.58
N LEU B 13 24.04 -3.24 -18.05
CA LEU B 13 22.79 -3.07 -17.34
C LEU B 13 22.63 -3.91 -16.09
N ILE B 14 22.76 -5.20 -16.30
CA ILE B 14 22.60 -6.18 -15.26
C ILE B 14 23.72 -6.16 -14.24
N ASN B 15 24.88 -5.63 -14.61
CA ASN B 15 25.97 -5.57 -13.65
C ASN B 15 26.00 -4.30 -12.88
N ASN B 16 24.97 -3.49 -13.04
CA ASN B 16 24.89 -2.24 -12.29
C ASN B 16 23.64 -2.18 -11.42
N ASP B 17 23.63 -1.23 -10.51
CA ASP B 17 22.49 -1.06 -9.66
C ASP B 17 21.42 -0.50 -10.58
N PRO B 18 20.13 -0.75 -10.28
CA PRO B 18 19.07 -0.21 -11.15
C PRO B 18 19.15 1.29 -11.21
N VAL B 19 19.04 1.86 -12.41
CA VAL B 19 19.12 3.30 -12.58
C VAL B 19 17.91 4.02 -12.02
N TRP B 20 18.11 5.13 -11.33
CA TRP B 20 17.00 5.90 -10.80
C TRP B 20 17.48 7.34 -10.78
N SER B 21 16.70 8.24 -11.37
CA SER B 21 17.12 9.62 -11.43
C SER B 21 16.33 10.50 -10.52
N SER B 22 16.89 11.67 -10.27
CA SER B 22 16.31 12.68 -9.44
C SER B 22 14.97 13.08 -10.10
N GLN B 23 14.95 13.15 -11.42
CA GLN B 23 13.72 13.46 -12.13
C GLN B 23 12.66 12.36 -11.86
N ASN B 24 13.05 11.09 -11.98
CA ASN B 24 12.13 9.98 -11.73
C ASN B 24 11.61 10.10 -10.31
N GLU B 25 12.54 10.39 -9.39
CA GLU B 25 12.18 10.53 -7.99
C GLU B 25 11.13 11.62 -7.88
N SER B 26 11.21 12.60 -8.79
CA SER B 26 10.27 13.68 -8.76
C SER B 26 8.89 13.30 -9.25
N LEU B 27 8.84 12.46 -10.29
CA LEU B 27 7.60 11.98 -10.86
C LEU B 27 6.83 11.23 -9.80
N ILE B 28 7.47 10.21 -9.24
CA ILE B 28 6.93 9.34 -8.23
C ILE B 28 6.47 10.09 -6.98
N SER B 29 7.04 11.28 -6.72
CA SER B 29 6.66 12.06 -5.54
C SER B 29 5.43 12.97 -5.65
N LYS B 30 5.03 13.27 -6.88
CA LYS B 30 3.88 14.14 -7.12
C LYS B 30 2.67 13.90 -6.22
N PRO B 31 2.27 12.62 -5.98
CA PRO B 31 1.09 12.44 -5.11
C PRO B 31 1.36 12.78 -3.64
N TYR B 32 2.57 12.49 -3.15
CA TYR B 32 2.92 12.81 -1.79
C TYR B 32 3.08 14.33 -1.63
N ASN B 33 3.79 14.97 -2.57
CA ASN B 33 4.01 16.40 -2.42
C ASN B 33 2.70 17.16 -2.39
N HIS B 34 1.72 16.73 -3.19
CA HIS B 34 0.44 17.41 -3.21
C HIS B 34 -0.23 17.49 -1.84
N ILE B 35 -0.09 16.46 -1.01
CA ILE B 35 -0.74 16.49 0.28
C ILE B 35 0.04 17.29 1.30
N LEU B 36 1.29 17.63 0.97
CA LEU B 36 2.12 18.44 1.88
C LEU B 36 1.68 19.91 2.02
N LEU B 37 0.94 20.42 1.03
CA LEU B 37 0.49 21.82 1.03
C LEU B 37 -0.59 22.10 2.10
N LYS B 38 -0.90 21.07 2.87
CA LYS B 38 -1.93 21.13 3.91
C LYS B 38 -1.45 21.71 5.27
N ASN B 42 2.23 21.50 11.74
CA ASN B 42 2.93 22.11 12.91
C ASN B 42 2.48 21.62 14.28
N PHE B 43 1.26 21.12 14.40
CA PHE B 43 0.81 20.64 15.70
C PHE B 43 1.35 19.25 15.94
N ARG B 44 1.62 18.53 14.87
CA ARG B 44 2.18 17.19 15.01
C ARG B 44 3.62 17.44 15.48
N LEU B 45 4.30 18.35 14.80
CA LEU B 45 5.67 18.69 15.16
C LEU B 45 5.76 19.16 16.61
N ASN B 46 4.81 19.98 17.04
CA ASN B 46 4.80 20.47 18.43
C ASN B 46 4.63 19.35 19.47
N LEU B 47 3.82 18.36 19.15
CA LEU B 47 3.62 17.25 20.09
C LEU B 47 4.94 16.52 20.27
N ILE B 48 5.70 16.40 19.18
CA ILE B 48 7.01 15.72 19.23
C ILE B 48 7.94 16.59 20.09
N VAL B 49 7.96 17.88 19.79
CA VAL B 49 8.78 18.83 20.53
C VAL B 49 8.44 18.62 22.02
N GLN B 50 7.20 18.95 22.37
CA GLN B 50 6.71 18.82 23.74
C GLN B 50 7.00 17.50 24.46
N ILE B 51 6.66 16.35 23.86
CA ILE B 51 6.95 15.07 24.50
C ILE B 51 8.45 14.93 24.77
N ASN B 52 9.29 15.52 23.90
CA ASN B 52 10.75 15.39 24.06
C ASN B 52 11.34 15.98 25.34
N ARG B 53 10.61 16.89 25.99
CA ARG B 53 11.07 17.50 27.24
C ARG B 53 11.08 16.43 28.32
N VAL B 54 10.79 15.20 27.94
CA VAL B 54 10.78 14.09 28.85
C VAL B 54 11.69 13.03 28.31
N MET B 55 11.95 13.10 27.02
CA MET B 55 12.80 12.12 26.38
C MET B 55 14.18 12.69 26.11
N ASN B 56 14.25 13.99 25.90
CA ASN B 56 15.52 14.68 25.66
C ASN B 56 16.40 14.07 24.56
N LEU B 57 15.84 13.90 23.37
CA LEU B 57 16.62 13.35 22.28
C LEU B 57 17.34 14.53 21.64
N PRO B 58 18.54 14.29 21.10
CA PRO B 58 19.33 15.36 20.46
C PRO B 58 18.65 15.81 19.18
N LYS B 59 18.42 17.10 19.06
CA LYS B 59 17.75 17.69 17.90
C LYS B 59 17.95 17.01 16.56
N ASP B 60 19.15 16.51 16.34
CA ASP B 60 19.45 15.83 15.10
C ASP B 60 18.60 14.58 14.97
N GLN B 61 18.60 13.79 16.04
CA GLN B 61 17.85 12.55 16.08
C GLN B 61 16.34 12.79 16.04
N LEU B 62 15.92 13.86 16.71
CA LEU B 62 14.53 14.25 16.79
C LEU B 62 14.01 14.66 15.40
N ALA B 63 14.91 15.16 14.57
CA ALA B 63 14.50 15.57 13.22
C ALA B 63 14.11 14.36 12.36
N ILE B 64 14.88 13.28 12.47
CA ILE B 64 14.62 12.05 11.73
C ILE B 64 13.32 11.37 12.20
N VAL B 65 13.09 11.33 13.52
CA VAL B 65 11.87 10.75 14.09
C VAL B 65 10.72 11.54 13.50
N SER B 66 10.85 12.86 13.51
CA SER B 66 9.83 13.72 12.96
C SER B 66 9.59 13.44 11.48
N GLN B 67 10.67 13.35 10.71
CA GLN B 67 10.55 13.06 9.27
C GLN B 67 9.87 11.71 9.06
N ILE B 68 10.25 10.69 9.86
CA ILE B 68 9.64 9.36 9.80
C ILE B 68 8.12 9.43 10.04
N VAL B 69 7.75 10.17 11.08
CA VAL B 69 6.37 10.35 11.43
C VAL B 69 5.61 11.13 10.36
N GLU B 70 6.18 12.18 9.79
CA GLU B 70 5.45 12.88 8.75
C GLU B 70 5.17 12.01 7.51
N LEU B 71 6.11 11.11 7.20
CA LEU B 71 5.99 10.21 6.04
C LEU B 71 4.89 9.15 6.24
N LEU B 72 4.86 8.57 7.44
CA LEU B 72 3.89 7.55 7.78
C LEU B 72 2.52 8.16 7.83
N HIS B 73 2.45 9.30 8.48
CA HIS B 73 1.20 10.01 8.60
C HIS B 73 0.67 10.46 7.24
N ASN B 74 1.52 11.08 6.43
CA ASN B 74 1.03 11.54 5.15
C ASN B 74 0.63 10.39 4.23
N SER B 75 1.48 9.37 4.13
CA SER B 75 1.17 8.24 3.29
C SER B 75 -0.15 7.58 3.72
N SER B 76 -0.34 7.36 5.03
CA SER B 76 -1.55 6.68 5.48
C SER B 76 -2.76 7.55 5.17
N LEU B 77 -2.59 8.86 5.17
CA LEU B 77 -3.74 9.69 4.78
C LEU B 77 -4.03 9.55 3.28
N LEU B 78 -2.97 9.45 2.46
CA LEU B 78 -3.18 9.30 1.00
C LEU B 78 -4.00 8.04 0.74
N ILE B 79 -3.67 6.92 1.41
CA ILE B 79 -4.40 5.64 1.22
C ILE B 79 -5.80 5.70 1.86
N ASP B 80 -5.89 6.34 3.01
CA ASP B 80 -7.17 6.46 3.69
C ASP B 80 -8.18 7.18 2.80
N ASP B 81 -7.73 8.15 2.02
CA ASP B 81 -8.70 8.82 1.17
C ASP B 81 -9.15 7.95 0.05
N ILE B 82 -8.25 7.14 -0.50
CA ILE B 82 -8.67 6.22 -1.54
C ILE B 82 -9.69 5.22 -0.88
N GLU B 83 -9.40 4.74 0.34
CA GLU B 83 -10.24 3.76 1.04
C GLU B 83 -11.60 4.28 1.50
N ASP B 84 -11.68 5.59 1.70
CA ASP B 84 -12.92 6.18 2.13
C ASP B 84 -13.55 6.94 0.96
N ASN B 85 -12.96 6.85 -0.22
CA ASN B 85 -13.54 7.56 -1.35
C ASN B 85 -13.74 9.03 -0.99
N ALA B 86 -12.71 9.70 -0.47
CA ALA B 86 -12.85 11.11 -0.10
C ALA B 86 -12.45 12.06 -1.22
N PRO B 87 -13.33 13.01 -1.57
CA PRO B 87 -13.02 13.99 -2.62
C PRO B 87 -12.21 15.16 -2.08
N LEU B 88 -12.21 15.35 -0.75
CA LEU B 88 -11.50 16.49 -0.14
C LEU B 88 -10.72 16.17 1.10
N ARG B 89 -9.65 16.92 1.30
CA ARG B 89 -8.78 16.76 2.46
C ARG B 89 -8.25 18.15 2.83
N ARG B 90 -8.90 18.75 3.82
CA ARG B 90 -8.58 20.08 4.32
C ARG B 90 -8.85 21.10 3.24
N GLY B 91 -9.99 20.97 2.57
CA GLY B 91 -10.37 21.91 1.52
C GLY B 91 -9.85 21.67 0.12
N GLN B 92 -8.66 21.07 -0.02
CA GLN B 92 -8.11 20.80 -1.35
C GLN B 92 -8.58 19.46 -1.85
N THR B 93 -8.51 19.28 -3.17
CA THR B 93 -8.89 18.03 -3.81
C THR B 93 -7.89 16.93 -3.43
N THR B 94 -8.39 15.75 -3.06
CA THR B 94 -7.50 14.68 -2.65
C THR B 94 -6.60 14.23 -3.81
N SER B 95 -5.43 13.68 -3.45
CA SER B 95 -4.48 13.26 -4.48
C SER B 95 -5.00 12.26 -5.49
N HIS B 96 -5.69 11.22 -5.03
CA HIS B 96 -6.12 10.23 -6.00
C HIS B 96 -7.01 10.77 -7.11
N LEU B 97 -7.73 11.84 -6.85
CA LEU B 97 -8.61 12.41 -7.84
C LEU B 97 -7.80 13.18 -8.88
N ILE B 98 -6.61 13.61 -8.51
CA ILE B 98 -5.77 14.34 -9.44
C ILE B 98 -4.80 13.42 -10.19
N PHE B 99 -4.03 12.60 -9.45
CA PHE B 99 -3.05 11.70 -10.06
C PHE B 99 -3.54 10.30 -10.35
N GLY B 100 -4.71 9.96 -9.81
CA GLY B 100 -5.28 8.65 -10.02
C GLY B 100 -5.01 7.73 -8.86
N VAL B 101 -5.85 6.70 -8.69
CA VAL B 101 -5.66 5.74 -7.62
C VAL B 101 -4.34 4.94 -7.78
N PRO B 102 -4.04 4.45 -9.00
CA PRO B 102 -2.77 3.69 -9.14
C PRO B 102 -1.52 4.41 -8.62
N SER B 103 -1.21 5.59 -9.15
CA SER B 103 -0.02 6.37 -8.70
C SER B 103 -0.07 6.74 -7.24
N THR B 104 -1.23 7.12 -6.73
CA THR B 104 -1.39 7.52 -5.33
C THR B 104 -1.09 6.33 -4.41
N ILE B 105 -1.56 5.12 -4.76
CA ILE B 105 -1.31 3.97 -3.95
C ILE B 105 0.16 3.65 -3.94
N ASN B 106 0.75 3.67 -5.12
CA ASN B 106 2.14 3.27 -5.20
C ASN B 106 3.07 4.26 -4.46
N THR B 107 2.83 5.57 -4.65
CA THR B 107 3.63 6.60 -4.01
C THR B 107 3.48 6.46 -2.46
N ALA B 108 2.26 6.29 -1.96
CA ALA B 108 2.05 6.15 -0.52
C ALA B 108 2.84 4.96 0.00
N ASN B 109 2.76 3.85 -0.73
CA ASN B 109 3.46 2.67 -0.32
C ASN B 109 4.97 2.84 -0.39
N TYR B 110 5.43 3.65 -1.32
CA TYR B 110 6.85 3.86 -1.46
C TYR B 110 7.33 4.68 -0.24
N MET B 111 6.53 5.65 0.18
CA MET B 111 6.96 6.43 1.32
C MET B 111 7.00 5.58 2.61
N TYR B 112 6.12 4.58 2.72
CA TYR B 112 6.15 3.74 3.92
C TYR B 112 7.52 3.18 3.99
N PHE B 113 8.00 2.68 2.86
CA PHE B 113 9.31 2.11 2.80
C PHE B 113 10.45 3.12 2.90
N ARG B 114 10.24 4.36 2.44
CA ARG B 114 11.29 5.37 2.56
C ARG B 114 11.45 5.65 4.01
N ALA B 115 10.30 5.73 4.70
CA ALA B 115 10.24 5.96 6.11
C ALA B 115 10.96 4.85 6.91
N MET B 116 10.85 3.61 6.47
CA MET B 116 11.48 2.49 7.14
C MET B 116 13.01 2.65 7.07
N GLN B 117 13.47 3.19 5.93
CA GLN B 117 14.88 3.41 5.69
C GLN B 117 15.45 4.47 6.65
N LEU B 118 14.69 5.54 6.88
CA LEU B 118 15.08 6.59 7.81
C LEU B 118 15.29 6.04 9.26
N VAL B 119 14.76 4.85 9.53
CA VAL B 119 14.90 4.25 10.83
C VAL B 119 16.35 3.90 11.19
N SER B 120 17.14 3.39 10.23
CA SER B 120 18.51 3.02 10.56
C SER B 120 19.43 4.21 10.57
N GLN B 121 18.88 5.38 10.29
CA GLN B 121 19.71 6.56 10.35
C GLN B 121 19.50 7.15 11.74
N LEU B 122 18.69 6.50 12.55
CA LEU B 122 18.45 6.97 13.91
C LEU B 122 19.55 6.50 14.85
N THR B 123 20.09 5.30 14.59
CA THR B 123 21.14 4.72 15.40
C THR B 123 21.94 3.69 14.64
N THR B 124 23.16 3.42 15.12
CA THR B 124 23.96 2.40 14.50
C THR B 124 24.12 1.25 15.49
N LYS B 125 23.82 1.54 16.76
CA LYS B 125 23.91 0.53 17.83
C LYS B 125 23.01 -0.63 17.42
N GLU B 126 23.60 -1.79 17.17
CA GLU B 126 22.81 -2.93 16.67
C GLU B 126 21.59 -3.42 17.42
N PRO B 127 21.67 -3.55 18.77
CA PRO B 127 20.49 -4.03 19.52
C PRO B 127 19.38 -2.99 19.38
N LEU B 128 19.73 -1.76 19.76
CA LEU B 128 18.87 -0.62 19.73
C LEU B 128 18.16 -0.47 18.39
N TYR B 129 18.85 -0.82 17.31
CA TYR B 129 18.25 -0.71 16.00
C TYR B 129 17.20 -1.77 15.81
N HIS B 130 17.47 -2.96 16.37
CA HIS B 130 16.54 -4.04 16.25
C HIS B 130 15.22 -3.61 16.88
N ASN B 131 15.33 -3.01 18.06
CA ASN B 131 14.19 -2.57 18.81
C ASN B 131 13.43 -1.49 18.08
N LEU B 132 14.14 -0.64 17.34
CA LEU B 132 13.49 0.44 16.61
C LEU B 132 12.68 -0.14 15.44
N ILE B 133 13.28 -1.08 14.71
CA ILE B 133 12.60 -1.72 13.59
C ILE B 133 11.39 -2.50 14.10
N THR B 134 11.56 -3.23 15.19
CA THR B 134 10.47 -3.98 15.79
C THR B 134 9.34 -3.06 16.19
N ILE B 135 9.66 -1.87 16.69
CA ILE B 135 8.63 -0.93 17.10
C ILE B 135 7.86 -0.45 15.88
N PHE B 136 8.61 -0.02 14.87
CA PHE B 136 8.07 0.42 13.60
C PHE B 136 7.15 -0.70 13.02
N ASN B 137 7.69 -1.89 12.87
CA ASN B 137 6.96 -3.04 12.34
C ASN B 137 5.65 -3.30 13.13
N GLU B 138 5.78 -3.55 14.43
CA GLU B 138 4.64 -3.83 15.31
C GLU B 138 3.54 -2.81 15.18
N GLU B 139 3.85 -1.52 15.28
CA GLU B 139 2.81 -0.49 15.19
C GLU B 139 2.24 -0.31 13.76
N LEU B 140 3.00 -0.52 12.70
CA LEU B 140 2.36 -0.41 11.39
C LEU B 140 1.39 -1.60 11.18
N ILE B 141 1.74 -2.74 11.76
CA ILE B 141 0.88 -3.90 11.71
C ILE B 141 -0.43 -3.56 12.46
N ASN B 142 -0.33 -2.88 13.59
CA ASN B 142 -1.52 -2.53 14.37
C ASN B 142 -2.38 -1.55 13.60
N LEU B 143 -1.72 -0.60 12.96
CA LEU B 143 -2.44 0.39 12.19
C LEU B 143 -3.27 -0.30 11.11
N HIS B 144 -2.68 -1.24 10.40
CA HIS B 144 -3.39 -1.94 9.34
C HIS B 144 -4.53 -2.84 9.84
N ARG B 145 -4.35 -3.40 11.03
CA ARG B 145 -5.35 -4.24 11.63
C ARG B 145 -6.61 -3.44 11.96
N GLY B 146 -6.43 -2.30 12.61
CA GLY B 146 -7.58 -1.50 13.00
C GLY B 146 -8.24 -0.86 11.81
N GLN B 147 -7.40 -0.35 10.93
CA GLN B 147 -7.89 0.28 9.71
C GLN B 147 -8.66 -0.82 8.96
N GLY B 148 -8.10 -2.03 8.92
CA GLY B 148 -8.78 -3.12 8.25
C GLY B 148 -10.13 -3.51 8.82
N LEU B 149 -10.27 -3.47 10.14
CA LEU B 149 -11.52 -3.82 10.84
C LEU B 149 -12.54 -2.72 10.66
N ASP B 150 -12.06 -1.46 10.70
CA ASP B 150 -12.88 -0.27 10.49
C ASP B 150 -13.51 -0.39 9.08
N ILE B 151 -12.70 -0.74 8.10
CA ILE B 151 -13.18 -0.90 6.72
C ILE B 151 -14.10 -2.14 6.57
N TYR B 152 -13.76 -3.22 7.24
CA TYR B 152 -14.59 -4.41 7.18
C TYR B 152 -16.02 -4.13 7.69
N TRP B 153 -16.12 -3.47 8.86
CA TRP B 153 -17.43 -3.17 9.43
C TRP B 153 -18.26 -2.31 8.49
N ARG B 154 -17.63 -1.28 7.91
CA ARG B 154 -18.35 -0.40 6.98
C ARG B 154 -18.86 -1.14 5.74
N ASP B 155 -17.94 -1.82 5.06
CA ASP B 155 -18.23 -2.56 3.85
C ASP B 155 -19.07 -3.79 3.96
N PHE B 156 -19.09 -4.41 5.12
CA PHE B 156 -19.91 -5.58 5.28
C PHE B 156 -21.19 -5.23 5.96
N LEU B 157 -21.34 -3.95 6.33
CA LEU B 157 -22.58 -3.49 6.99
C LEU B 157 -23.79 -3.86 6.15
N PRO B 158 -24.84 -4.41 6.79
CA PRO B 158 -24.95 -4.69 8.22
C PRO B 158 -24.62 -6.08 8.76
N GLU B 159 -23.64 -6.78 8.19
CA GLU B 159 -23.36 -8.11 8.74
C GLU B 159 -22.94 -8.04 10.22
N ILE B 160 -22.19 -7.01 10.59
CA ILE B 160 -21.74 -6.89 11.96
C ILE B 160 -21.90 -5.46 12.46
N ILE B 161 -22.53 -5.30 13.60
CA ILE B 161 -22.68 -3.98 14.17
C ILE B 161 -21.82 -3.98 15.42
N PRO B 162 -20.71 -3.24 15.40
CA PRO B 162 -19.95 -3.32 16.64
C PRO B 162 -20.56 -2.60 17.82
N THR B 163 -20.11 -3.07 18.98
CA THR B 163 -20.46 -2.52 20.26
C THR B 163 -19.38 -1.47 20.56
N GLN B 164 -19.59 -0.69 21.63
CA GLN B 164 -18.64 0.32 22.07
C GLN B 164 -17.28 -0.28 22.43
N GLU B 165 -17.27 -1.48 23.02
CA GLU B 165 -16.02 -2.13 23.36
C GLU B 165 -15.30 -2.56 22.09
N MET B 166 -16.02 -3.04 21.08
CA MET B 166 -15.29 -3.48 19.90
C MET B 166 -14.70 -2.26 19.24
N TYR B 167 -15.51 -1.22 19.13
CA TYR B 167 -15.05 0.00 18.54
C TYR B 167 -13.76 0.51 19.20
N LEU B 168 -13.66 0.43 20.54
CA LEU B 168 -12.51 0.94 21.25
C LEU B 168 -11.26 0.13 20.97
N ASN B 169 -11.41 -1.19 20.77
CA ASN B 169 -10.26 -2.00 20.43
C ASN B 169 -9.85 -1.75 18.99
N MET B 170 -10.80 -1.36 18.13
CA MET B 170 -10.42 -1.04 16.73
C MET B 170 -9.59 0.24 16.81
N VAL B 171 -10.09 1.22 17.57
CA VAL B 171 -9.36 2.48 17.73
C VAL B 171 -7.94 2.31 18.35
N MET B 172 -7.81 1.41 19.33
CA MET B 172 -6.50 1.18 19.97
C MET B 172 -5.49 0.74 18.92
N ASN B 173 -5.95 0.01 17.91
CA ASN B 173 -5.10 -0.46 16.81
C ASN B 173 -4.95 0.64 15.74
N LYS B 174 -6.07 1.07 15.19
CA LYS B 174 -6.11 2.06 14.14
C LYS B 174 -5.42 3.38 14.45
N THR B 175 -5.96 4.12 15.40
CA THR B 175 -5.36 5.40 15.70
C THR B 175 -4.17 5.34 16.67
N GLY B 176 -4.19 4.38 17.60
CA GLY B 176 -3.10 4.25 18.54
C GLY B 176 -1.81 3.88 17.83
N GLY B 177 -1.92 3.23 16.68
CA GLY B 177 -0.72 2.86 15.97
C GLY B 177 0.36 3.93 15.81
N LEU B 178 0.12 4.98 15.02
CA LEU B 178 1.14 5.98 14.83
C LEU B 178 1.44 6.81 16.10
N PHE B 179 0.47 6.94 16.99
CA PHE B 179 0.74 7.67 18.24
C PHE B 179 1.83 6.93 19.03
N ARG B 180 1.63 5.62 19.20
CA ARG B 180 2.57 4.78 19.91
C ARG B 180 3.88 4.59 19.14
N LEU B 181 3.81 4.49 17.81
CA LEU B 181 5.03 4.28 17.08
C LEU B 181 5.91 5.46 17.40
N THR B 182 5.38 6.67 17.27
CA THR B 182 6.12 7.88 17.62
C THR B 182 6.70 7.77 19.04
N LEU B 183 5.80 7.73 20.02
CA LEU B 183 6.21 7.67 21.42
C LEU B 183 7.23 6.55 21.75
N ARG B 184 6.95 5.32 21.32
CA ARG B 184 7.85 4.23 21.57
C ARG B 184 9.22 4.44 20.95
N LEU B 185 9.29 5.00 19.75
CA LEU B 185 10.61 5.24 19.15
C LEU B 185 11.35 6.23 20.05
N MET B 186 10.70 7.32 20.45
CA MET B 186 11.38 8.29 21.30
C MET B 186 11.86 7.69 22.63
N GLU B 187 10.97 6.96 23.29
CA GLU B 187 11.33 6.35 24.54
C GLU B 187 12.52 5.43 24.38
N ALA B 188 12.67 4.81 23.22
CA ALA B 188 13.81 3.91 23.02
C ALA B 188 15.11 4.70 22.74
N LEU B 189 14.99 5.81 22.03
CA LEU B 189 16.15 6.61 21.72
C LEU B 189 16.50 7.58 22.85
N SER B 190 15.66 7.65 23.89
CA SER B 190 15.88 8.55 25.01
C SER B 190 17.12 8.33 25.86
N PRO B 191 17.91 9.40 26.04
CA PRO B 191 19.15 9.39 26.84
C PRO B 191 18.84 9.58 28.32
N SER B 198 6.73 5.33 31.52
CA SER B 198 6.27 5.07 30.11
C SER B 198 5.03 5.86 29.84
N LEU B 199 5.08 6.75 28.87
CA LEU B 199 3.93 7.57 28.54
C LEU B 199 2.99 6.85 27.56
N VAL B 200 3.20 5.55 27.33
CA VAL B 200 2.32 4.88 26.38
C VAL B 200 0.83 4.96 26.73
N PRO B 201 0.46 4.66 27.99
CA PRO B 201 -0.96 4.73 28.40
C PRO B 201 -1.57 6.08 28.03
N PHE B 202 -0.80 7.13 28.29
CA PHE B 202 -1.23 8.47 28.02
C PHE B 202 -1.40 8.68 26.51
N ILE B 203 -0.44 8.20 25.72
CA ILE B 203 -0.52 8.38 24.30
C ILE B 203 -1.71 7.53 23.78
N ASN B 204 -1.99 6.40 24.43
CA ASN B 204 -3.13 5.61 24.04
C ASN B 204 -4.42 6.40 24.29
N LEU B 205 -4.50 7.08 25.45
CA LEU B 205 -5.72 7.82 25.75
C LEU B 205 -5.87 8.95 24.74
N LEU B 206 -4.74 9.53 24.37
CA LEU B 206 -4.72 10.64 23.41
C LEU B 206 -5.32 10.22 22.07
N GLY B 207 -4.87 9.09 21.53
CA GLY B 207 -5.39 8.63 20.25
C GLY B 207 -6.90 8.35 20.28
N ILE B 208 -7.38 7.84 21.40
CA ILE B 208 -8.79 7.55 21.53
C ILE B 208 -9.53 8.85 21.55
N ILE B 209 -9.07 9.81 22.36
CA ILE B 209 -9.75 11.10 22.43
C ILE B 209 -9.79 11.68 21.03
N TYR B 210 -8.67 11.58 20.34
CA TYR B 210 -8.52 12.10 19.00
C TYR B 210 -9.53 11.50 18.01
N GLN B 211 -9.66 10.17 18.01
CA GLN B 211 -10.57 9.53 17.08
C GLN B 211 -12.05 9.79 17.39
N ILE B 212 -12.40 9.77 18.68
CA ILE B 212 -13.77 10.00 19.04
C ILE B 212 -14.12 11.43 18.74
N ARG B 213 -13.16 12.34 18.97
CA ARG B 213 -13.40 13.75 18.69
C ARG B 213 -13.46 13.97 17.18
N ASP B 214 -12.69 13.20 16.43
CA ASP B 214 -12.69 13.28 14.95
C ASP B 214 -14.09 12.85 14.47
N ASP B 215 -14.54 11.66 14.87
CA ASP B 215 -15.88 11.18 14.49
C ASP B 215 -16.94 12.18 14.95
N TYR B 216 -16.73 12.75 16.14
CA TYR B 216 -17.71 13.71 16.71
C TYR B 216 -17.83 15.00 15.90
N LEU B 217 -16.70 15.61 15.60
CA LEU B 217 -16.72 16.87 14.92
C LEU B 217 -17.30 16.80 13.52
N ASN B 218 -17.05 15.69 12.83
CA ASN B 218 -17.55 15.46 11.48
C ASN B 218 -19.08 15.66 11.36
N LEU B 219 -19.83 15.31 12.41
CA LEU B 219 -21.30 15.47 12.40
C LEU B 219 -21.68 16.85 12.89
N LYS B 220 -20.95 17.31 13.90
CA LYS B 220 -21.16 18.58 14.53
C LYS B 220 -20.87 19.76 13.60
N ASP B 221 -19.70 19.72 12.96
CA ASP B 221 -19.29 20.77 12.02
C ASP B 221 -20.34 20.96 10.92
N PHE B 222 -21.04 19.87 10.59
CA PHE B 222 -22.07 19.87 9.56
C PHE B 222 -23.37 20.44 10.10
N GLN B 223 -23.60 20.22 11.40
CA GLN B 223 -24.80 20.66 12.07
C GLN B 223 -24.75 22.17 12.38
N MET B 224 -23.57 22.68 12.71
CA MET B 224 -23.41 24.11 12.97
C MET B 224 -23.18 24.83 11.63
N GLY B 229 -18.29 21.82 7.26
CA GLY B 229 -18.36 20.35 7.57
C GLY B 229 -19.42 19.62 6.77
N PHE B 230 -18.99 18.78 5.82
CA PHE B 230 -19.92 18.03 4.98
C PHE B 230 -20.49 16.75 5.61
N ALA B 231 -20.00 16.35 6.80
CA ALA B 231 -20.42 15.10 7.46
C ALA B 231 -20.22 13.95 6.49
N GLU B 232 -18.99 13.85 6.00
CA GLU B 232 -18.59 12.83 5.04
C GLU B 232 -18.70 11.43 5.63
N ASP B 233 -18.63 11.36 6.95
CA ASP B 233 -18.74 10.07 7.57
C ASP B 233 -20.08 9.38 7.30
N ILE B 234 -21.13 10.15 7.06
CA ILE B 234 -22.41 9.54 6.79
C ILE B 234 -22.35 8.97 5.38
N THR B 235 -21.77 9.72 4.46
CA THR B 235 -21.64 9.32 3.09
C THR B 235 -20.79 8.05 3.01
N GLU B 236 -19.68 8.06 3.73
CA GLU B 236 -18.73 6.95 3.77
C GLU B 236 -19.44 5.74 4.39
N GLY B 237 -20.37 6.04 5.29
CA GLY B 237 -21.12 5.00 5.95
C GLY B 237 -20.37 4.32 7.05
N LYS B 238 -19.40 4.99 7.69
CA LYS B 238 -18.60 4.32 8.75
C LYS B 238 -19.27 4.15 10.13
N LEU B 239 -18.78 3.17 10.90
CA LEU B 239 -19.31 2.90 12.23
C LEU B 239 -18.57 3.80 13.19
N SER B 240 -18.85 5.09 13.11
CA SER B 240 -18.21 6.05 14.01
C SER B 240 -18.72 5.87 15.43
N PHE B 241 -18.16 6.64 16.36
CA PHE B 241 -18.59 6.52 17.75
C PHE B 241 -20.04 6.88 18.02
N PRO B 242 -20.57 7.98 17.44
CA PRO B 242 -21.98 8.31 17.70
C PRO B 242 -22.93 7.30 17.05
N ILE B 243 -22.51 6.76 15.90
CA ILE B 243 -23.33 5.78 15.15
C ILE B 243 -23.39 4.42 15.87
N VAL B 244 -22.26 3.98 16.42
CA VAL B 244 -22.23 2.73 17.16
C VAL B 244 -23.19 2.88 18.34
N HIS B 245 -23.09 4.01 19.05
CA HIS B 245 -23.97 4.28 20.15
C HIS B 245 -25.42 4.28 19.69
N ALA B 246 -25.75 5.05 18.65
CA ALA B 246 -27.11 5.07 18.21
C ALA B 246 -27.60 3.64 17.86
N LEU B 247 -26.80 2.89 17.11
CA LEU B 247 -27.20 1.54 16.72
C LEU B 247 -27.51 0.64 17.87
N ASN B 248 -26.61 0.64 18.86
CA ASN B 248 -26.77 -0.20 20.02
C ASN B 248 -27.85 0.29 21.00
N PHE B 249 -28.05 1.61 21.01
CA PHE B 249 -29.05 2.19 21.87
C PHE B 249 -30.45 1.83 21.35
N THR B 250 -30.68 1.95 20.06
CA THR B 250 -31.99 1.61 19.51
C THR B 250 -32.24 0.11 19.53
N LYS B 251 -31.17 -0.69 19.53
CA LYS B 251 -31.33 -2.14 19.60
C LYS B 251 -31.72 -2.50 21.03
N THR B 252 -31.07 -1.86 22.01
CA THR B 252 -31.35 -2.10 23.42
C THR B 252 -32.72 -1.62 23.84
N LYS B 253 -33.16 -0.52 23.26
CA LYS B 253 -34.46 0.04 23.58
C LYS B 253 -35.51 -0.57 22.64
N GLY B 254 -35.13 -1.68 22.01
CA GLY B 254 -36.02 -2.36 21.09
C GLY B 254 -36.65 -1.45 20.07
N GLN B 255 -36.01 -0.31 19.73
CA GLN B 255 -36.55 0.67 18.75
C GLN B 255 -36.21 0.25 17.32
N THR B 256 -36.84 -0.86 16.93
CA THR B 256 -36.67 -1.47 15.63
C THR B 256 -36.60 -0.57 14.40
N GLU B 257 -37.60 0.26 14.17
CA GLU B 257 -37.63 1.08 12.99
C GLU B 257 -36.60 2.19 12.94
N GLN B 258 -36.14 2.65 14.10
CA GLN B 258 -35.15 3.70 14.12
C GLN B 258 -33.78 3.09 13.84
N HIS B 259 -33.61 1.89 14.38
CA HIS B 259 -32.39 1.16 14.24
C HIS B 259 -32.20 0.91 12.77
N ASN B 260 -33.28 0.52 12.11
CA ASN B 260 -33.23 0.22 10.71
C ASN B 260 -33.03 1.44 9.85
N GLU B 261 -33.67 2.52 10.23
CA GLU B 261 -33.55 3.73 9.46
C GLU B 261 -32.10 4.24 9.51
N ILE B 262 -31.40 4.04 10.62
CA ILE B 262 -30.02 4.46 10.72
C ILE B 262 -29.20 3.62 9.75
N LEU B 263 -29.40 2.30 9.79
CA LEU B 263 -28.69 1.42 8.85
C LEU B 263 -28.99 1.81 7.39
N ARG B 264 -30.26 2.05 7.09
CA ARG B 264 -30.60 2.46 5.74
C ARG B 264 -29.90 3.72 5.30
N ILE B 265 -29.76 4.72 6.17
CA ILE B 265 -29.11 5.92 5.71
C ILE B 265 -27.63 5.66 5.45
N LEU B 266 -26.98 4.94 6.37
CA LEU B 266 -25.58 4.61 6.20
C LEU B 266 -25.35 3.83 4.87
N LEU B 267 -26.21 2.86 4.55
CA LEU B 267 -26.06 2.07 3.33
C LEU B 267 -26.32 2.80 2.05
N LEU B 268 -26.94 3.97 2.12
CA LEU B 268 -27.22 4.74 0.92
C LEU B 268 -25.94 5.32 0.35
N ARG B 269 -24.91 5.50 1.19
CA ARG B 269 -23.65 6.13 0.77
C ARG B 269 -24.08 7.48 0.14
N THR B 270 -24.96 8.19 0.84
CA THR B 270 -25.51 9.41 0.29
C THR B 270 -24.76 10.71 0.48
N SER B 271 -24.90 11.59 -0.51
CA SER B 271 -24.28 12.93 -0.49
C SER B 271 -25.34 13.97 -0.15
N ASP B 272 -26.59 13.55 -0.15
CA ASP B 272 -27.75 14.39 0.11
C ASP B 272 -27.78 15.07 1.49
N LYS B 273 -27.69 16.41 1.45
CA LYS B 273 -27.72 17.23 2.64
C LYS B 273 -28.90 16.90 3.54
N ASP B 274 -30.08 16.81 2.93
CA ASP B 274 -31.32 16.56 3.67
C ASP B 274 -31.33 15.20 4.39
N ILE B 275 -30.99 14.15 3.65
CA ILE B 275 -30.94 12.84 4.25
C ILE B 275 -29.88 12.81 5.34
N LYS B 276 -28.78 13.53 5.14
CA LYS B 276 -27.74 13.58 6.16
C LYS B 276 -28.28 14.24 7.40
N LEU B 277 -29.04 15.32 7.23
CA LEU B 277 -29.61 16.01 8.38
C LEU B 277 -30.50 15.08 9.19
N LYS B 278 -31.32 14.33 8.49
CA LYS B 278 -32.24 13.38 9.09
C LYS B 278 -31.57 12.40 10.03
N LEU B 279 -30.49 11.77 9.58
CA LEU B 279 -29.79 10.80 10.45
C LEU B 279 -29.21 11.56 11.64
N ILE B 280 -28.67 12.74 11.38
CA ILE B 280 -28.13 13.47 12.50
C ILE B 280 -29.27 13.82 13.47
N GLN B 281 -30.46 14.11 12.93
CA GLN B 281 -31.62 14.40 13.76
C GLN B 281 -32.09 13.11 14.48
N ILE B 282 -31.89 11.94 13.87
CA ILE B 282 -32.27 10.74 14.60
C ILE B 282 -31.32 10.63 15.78
N LEU B 283 -30.08 11.03 15.57
CA LEU B 283 -29.04 10.97 16.62
C LEU B 283 -29.20 12.06 17.71
N GLU B 284 -29.81 13.17 17.35
CA GLU B 284 -30.02 14.25 18.30
C GLU B 284 -31.26 13.98 19.18
N PHE B 285 -32.42 13.86 18.53
CA PHE B 285 -33.72 13.63 19.17
C PHE B 285 -34.07 12.23 19.68
N ASP B 286 -33.75 11.20 18.91
CA ASP B 286 -34.06 9.85 19.32
C ASP B 286 -33.11 9.19 20.34
N THR B 287 -31.82 9.09 20.01
CA THR B 287 -30.84 8.41 20.88
C THR B 287 -29.96 9.30 21.74
N ASN B 288 -29.87 10.58 21.40
CA ASN B 288 -29.06 11.53 22.15
C ASN B 288 -27.58 11.11 22.08
N SER B 289 -27.23 10.48 20.97
CA SER B 289 -25.85 9.98 20.71
C SER B 289 -24.79 11.07 20.63
N LEU B 290 -25.08 12.21 20.00
CA LEU B 290 -24.10 13.28 19.91
C LEU B 290 -23.79 13.82 21.31
N ALA B 291 -24.82 13.97 22.15
CA ALA B 291 -24.60 14.47 23.50
C ALA B 291 -23.82 13.41 24.26
N TYR B 292 -24.23 12.14 24.11
CA TYR B 292 -23.56 11.05 24.79
C TYR B 292 -22.08 11.04 24.46
N THR B 293 -21.78 11.44 23.23
CA THR B 293 -20.43 11.46 22.72
C THR B 293 -19.66 12.66 23.28
N LYS B 294 -20.33 13.78 23.40
CA LYS B 294 -19.66 14.95 23.96
C LYS B 294 -19.23 14.61 25.40
N ASN B 295 -20.15 13.95 26.09
CA ASN B 295 -19.89 13.58 27.46
C ASN B 295 -18.79 12.56 27.58
N PHE B 296 -18.72 11.62 26.65
CA PHE B 296 -17.67 10.59 26.67
C PHE B 296 -16.29 11.24 26.48
N ILE B 297 -16.16 12.09 25.46
CA ILE B 297 -14.91 12.80 25.23
C ILE B 297 -14.51 13.64 26.46
N ASN B 298 -15.44 14.41 27.03
CA ASN B 298 -15.11 15.25 28.19
C ASN B 298 -14.61 14.40 29.35
N GLN B 299 -15.22 13.26 29.60
CA GLN B 299 -14.73 12.39 30.67
C GLN B 299 -13.31 11.90 30.37
N LEU B 300 -13.02 11.65 29.09
CA LEU B 300 -11.69 11.20 28.75
C LEU B 300 -10.66 12.29 28.99
N VAL B 301 -10.96 13.51 28.55
CA VAL B 301 -10.06 14.65 28.76
C VAL B 301 -9.86 14.84 30.28
N ASN B 302 -10.88 14.53 31.09
CA ASN B 302 -10.77 14.68 32.55
C ASN B 302 -9.74 13.76 33.21
N MET B 303 -9.67 12.51 32.76
CA MET B 303 -8.70 11.59 33.31
C MET B 303 -7.32 12.22 33.21
N ILE B 304 -7.14 13.09 32.22
CA ILE B 304 -5.85 13.77 32.01
C ILE B 304 -5.78 15.05 32.83
N LYS B 305 -6.83 15.85 32.81
CA LYS B 305 -6.85 17.09 33.57
C LYS B 305 -6.70 16.86 35.07
N ASN B 306 -7.57 16.05 35.65
CA ASN B 306 -7.50 15.78 37.09
C ASN B 306 -6.41 14.77 37.40
MG MG C . 1.34 -3.75 -13.39
MG MG D . -0.92 -6.23 -13.95
O M0N E . 3.95 -8.75 -14.54
C9 M0N E . 2.78 -8.07 -14.04
C8 M0N E . 2.84 -7.98 -12.52
C2 M0N E . 4.17 -7.37 -12.03
C1 M0N E . 5.32 -7.24 -12.68
N1 M0N E . 6.21 -6.65 -11.88
C7 M0N E . 5.65 -6.40 -10.70
C6 M0N E . 6.14 -5.83 -9.54
C5 M0N E . 5.32 -5.71 -8.41
C4 M0N E . 4.00 -6.16 -8.47
C3 M0N E . 3.50 -6.73 -9.62
N2 M0N E . 4.33 -6.85 -10.75
P1 M0N E . 1.30 -9.11 -14.50
O2 M0N E . 1.20 -9.34 -15.95
O3 M0N E . 1.43 -10.49 -13.65
O1 M0N E . 0.06 -8.31 -13.84
P2 M0N E . 2.58 -6.41 -14.85
O5 M0N E . 1.27 -5.75 -14.20
O6 M0N E . 2.21 -6.70 -16.38
O4 M0N E . 3.80 -5.56 -14.74
MG MG F . -10.82 8.83 6.61
MG MG G . -10.52 5.73 7.11
O M0N H . -9.21 9.98 11.14
C9 M0N H . -9.32 9.57 9.77
C8 M0N H . -7.94 9.12 9.30
C2 M0N H . -7.32 8.11 10.26
C1 M0N H . -7.50 7.93 11.56
N1 M0N H . -6.74 6.91 11.96
C7 M0N H . -6.06 6.42 10.93
C6 M0N H . -5.14 5.38 10.79
C5 M0N H . -4.59 5.12 9.53
C4 M0N H . -4.93 5.86 8.41
C3 M0N H . -5.85 6.90 8.53
N2 M0N H . -6.41 7.16 9.80
P1 M0N H . -9.85 11.01 8.71
O2 M0N H . -11.06 11.67 9.25
O3 M0N H . -8.56 11.97 8.69
O1 M0N H . -10.08 10.45 7.22
P2 M0N H . -10.57 8.19 9.65
O5 M0N H . -10.43 7.56 8.18
O6 M0N H . -11.99 8.94 9.68
O4 M0N H . -10.43 7.19 10.74
#